data_7Z2U
#
_entry.id   7Z2U
#
_cell.length_a   79.500
_cell.length_b   79.500
_cell.length_c   228.240
_cell.angle_alpha   90.00
_cell.angle_beta   90.00
_cell.angle_gamma   90.00
#
_symmetry.space_group_name_H-M   'P 43 21 2'
#
loop_
_entity.id
_entity.type
_entity.pdbx_description
1 polymer 'Ferulic acid esterase'
2 non-polymer '3-(4-HYDROXY-3-METHOXYPHENYL)-2-PROPENOIC ACID'
3 non-polymer 'CALCIUM ION'
4 water water
#
_entity_poly.entity_id   1
_entity_poly.type   'polypeptide(L)'
_entity_poly.pdbx_seq_one_letter_code
;MHHHHHHSSGVDLGTENLYFQSMIKFVTTEINGLTLRGTAHVPDGEPGQQFPTVLMFHGFGAVRDEGFRLFIQMSNRLME
NGIAAVRFDFGCHGESDGEFEDFTFSQELNEGSALIDAVKSMSFVDSTKFSLLGESLGSVAASIVAGKRSTELTSLCMWS
PAASFLDEILNDHTLQGKTVDNVEKDGYFDFYGLKLGKAFFDDLKNINIFDNAKKYQGPVKIVYGTNDFIPEKYSHKYMD
GYENGELVIVQDGDHGWQSVPSRKRILDETMKFFRKTLLEAK
;
_entity_poly.pdbx_strand_id   A,B
#
loop_
_chem_comp.id
_chem_comp.type
_chem_comp.name
_chem_comp.formula
CA non-polymer 'CALCIUM ION' 'Ca 2'
FER non-polymer '3-(4-HYDROXY-3-METHOXYPHENYL)-2-PROPENOIC ACID' 'C10 H10 O4'
#
# COMPACT_ATOMS: atom_id res chain seq x y z
N TYR A 19 14.73 -28.36 9.85
CA TYR A 19 14.82 -26.91 9.95
C TYR A 19 14.10 -26.21 8.80
N PHE A 20 13.88 -24.90 8.95
CA PHE A 20 13.16 -24.10 7.97
C PHE A 20 13.74 -22.70 7.98
N GLN A 21 13.95 -22.13 6.80
CA GLN A 21 14.34 -20.73 6.69
C GLN A 21 13.12 -19.84 6.94
N SER A 22 13.40 -18.56 7.23
CA SER A 22 12.32 -17.58 7.41
C SER A 22 11.45 -17.52 6.16
N MET A 23 10.19 -17.12 6.33
CA MET A 23 9.32 -17.08 5.17
C MET A 23 8.25 -16.00 5.32
N ILE A 24 7.80 -15.49 4.18
CA ILE A 24 6.70 -14.55 4.11
C ILE A 24 5.52 -15.29 3.49
N LYS A 25 4.38 -15.27 4.17
CA LYS A 25 3.23 -15.98 3.66
C LYS A 25 1.99 -15.13 3.84
N PHE A 26 1.02 -15.31 2.97
CA PHE A 26 -0.21 -14.55 3.02
C PHE A 26 -1.25 -15.35 3.79
N VAL A 27 -2.08 -14.63 4.55
CA VAL A 27 -3.07 -15.21 5.44
C VAL A 27 -4.38 -14.50 5.22
N THR A 28 -5.50 -15.21 5.45
CA THR A 28 -6.80 -14.57 5.40
C THR A 28 -7.61 -15.04 6.62
N THR A 29 -8.58 -14.23 7.01
CA THR A 29 -9.54 -14.66 8.00
C THR A 29 -10.87 -13.97 7.70
N GLU A 30 -11.95 -14.58 8.17
CA GLU A 30 -13.29 -14.05 7.97
C GLU A 30 -13.82 -13.50 9.29
N ILE A 31 -14.27 -12.25 9.28
CA ILE A 31 -14.73 -11.59 10.50
C ILE A 31 -16.05 -10.92 10.18
N ASN A 32 -17.13 -11.44 10.77
CA ASN A 32 -18.46 -10.85 10.63
C ASN A 32 -18.79 -10.58 9.15
N GLY A 33 -18.49 -11.56 8.29
CA GLY A 33 -18.91 -11.54 6.90
C GLY A 33 -17.92 -10.95 5.92
N LEU A 34 -16.81 -10.39 6.38
CA LEU A 34 -15.78 -9.84 5.51
C LEU A 34 -14.53 -10.70 5.59
N THR A 35 -13.94 -10.99 4.42
CA THR A 35 -12.62 -11.60 4.37
C THR A 35 -11.56 -10.51 4.55
N LEU A 36 -10.78 -10.63 5.61
CA LEU A 36 -9.63 -9.75 5.82
C LEU A 36 -8.38 -10.46 5.31
N ARG A 37 -7.52 -9.73 4.61
CA ARG A 37 -6.33 -10.29 3.99
C ARG A 37 -5.07 -9.70 4.62
N GLY A 38 -4.07 -10.53 4.84
CA GLY A 38 -2.91 -10.09 5.58
C GLY A 38 -1.63 -10.78 5.15
N THR A 39 -0.54 -10.41 5.83
CA THR A 39 0.78 -10.94 5.53
C THR A 39 1.46 -11.33 6.85
N ALA A 40 2.19 -12.44 6.81
CA ALA A 40 2.87 -12.95 8.00
C ALA A 40 4.35 -13.18 7.70
N HIS A 41 5.21 -12.67 8.58
CA HIS A 41 6.65 -12.83 8.48
C HIS A 41 7.08 -13.79 9.59
N VAL A 42 7.45 -15.01 9.23
CA VAL A 42 7.77 -16.07 10.19
C VAL A 42 9.29 -16.23 10.25
N PRO A 43 9.90 -16.18 11.43
CA PRO A 43 11.35 -16.38 11.53
C PRO A 43 11.75 -17.81 11.15
N ASP A 44 13.03 -18.01 10.91
CA ASP A 44 13.47 -19.38 10.68
C ASP A 44 13.43 -20.17 11.98
N GLY A 45 13.23 -21.48 11.84
CA GLY A 45 13.17 -22.35 12.99
C GLY A 45 12.78 -23.76 12.57
N GLU A 46 12.61 -24.60 13.59
CA GLU A 46 12.26 -26.00 13.38
C GLU A 46 10.79 -26.16 13.04
N PRO A 47 10.39 -27.31 12.49
CA PRO A 47 8.97 -27.53 12.21
C PRO A 47 8.13 -27.43 13.48
N GLY A 48 7.00 -26.76 13.35
CA GLY A 48 6.08 -26.56 14.47
C GLY A 48 6.55 -25.59 15.52
N GLN A 49 7.67 -24.89 15.32
CA GLN A 49 8.14 -23.95 16.32
C GLN A 49 7.21 -22.75 16.40
N GLN A 50 7.01 -22.24 17.61
CA GLN A 50 6.17 -21.08 17.85
C GLN A 50 7.01 -19.92 18.33
N PHE A 51 6.63 -18.71 17.92
CA PHE A 51 7.45 -17.52 18.12
C PHE A 51 6.65 -16.44 18.82
N PRO A 52 7.31 -15.63 19.65
CA PRO A 52 6.69 -14.37 20.08
C PRO A 52 6.25 -13.61 18.83
N THR A 53 5.10 -12.95 18.92
CA THR A 53 4.46 -12.40 17.73
C THR A 53 4.00 -10.97 17.99
N VAL A 54 4.21 -10.11 16.99
CA VAL A 54 3.65 -8.75 16.99
C VAL A 54 2.60 -8.64 15.89
N LEU A 55 1.40 -8.21 16.28
CA LEU A 55 0.30 -7.92 15.35
C LEU A 55 0.21 -6.41 15.17
N MET A 56 0.23 -5.96 13.92
CA MET A 56 0.35 -4.54 13.57
C MET A 56 -0.97 -4.00 13.00
N PHE A 57 -1.39 -2.83 13.48
CA PHE A 57 -2.61 -2.15 13.02
C PHE A 57 -2.21 -0.89 12.24
N HIS A 58 -2.62 -0.81 10.96
CA HIS A 58 -2.32 0.36 10.12
C HIS A 58 -3.29 1.51 10.40
N GLY A 59 -3.05 2.66 9.76
CA GLY A 59 -3.82 3.86 10.02
C GLY A 59 -5.04 4.05 9.10
N PHE A 60 -5.63 5.25 9.21
CA PHE A 60 -6.91 5.56 8.59
C PHE A 60 -6.79 5.66 7.07
N GLY A 61 -7.54 4.82 6.35
CA GLY A 61 -7.41 4.80 4.90
C GLY A 61 -6.08 4.31 4.39
N ALA A 62 -5.27 3.69 5.24
CA ALA A 62 -3.97 3.16 4.88
C ALA A 62 -4.10 1.68 4.55
N VAL A 63 -2.97 1.00 4.35
CA VAL A 63 -2.96 -0.42 4.03
C VAL A 63 -1.90 -1.09 4.89
N ARG A 64 -1.85 -2.44 4.84
CA ARG A 64 -1.04 -3.18 5.81
C ARG A 64 0.46 -3.01 5.58
N ASP A 65 0.86 -2.51 4.45
CA ASP A 65 2.25 -2.20 4.19
C ASP A 65 2.67 -1.01 5.06
N GLU A 66 1.72 -0.09 5.22
CA GLU A 66 1.84 1.23 5.84
C GLU A 66 2.57 2.19 4.82
N GLY A 67 2.86 3.42 5.18
CA GLY A 67 3.45 4.32 4.23
C GLY A 67 4.88 4.03 3.86
N PHE A 68 5.19 3.98 2.58
CA PHE A 68 6.55 3.84 2.12
C PHE A 68 7.35 2.66 2.77
N ARG A 69 6.73 1.49 2.79
CA ARG A 69 7.30 0.24 3.30
C ARG A 69 7.53 0.25 4.82
N LEU A 70 6.87 1.15 5.57
CA LEU A 70 7.14 1.28 7.00
C LEU A 70 6.89 -0.04 7.74
N PHE A 71 5.70 -0.62 7.59
CA PHE A 71 5.39 -1.86 8.31
C PHE A 71 6.16 -3.06 7.75
N ILE A 72 6.52 -3.01 6.46
CA ILE A 72 7.32 -4.08 5.88
C ILE A 72 8.72 -4.09 6.49
N GLN A 73 9.33 -2.91 6.62
CA GLN A 73 10.65 -2.84 7.25
C GLN A 73 10.59 -3.27 8.71
N MET A 74 9.56 -2.84 9.44
CA MET A 74 9.44 -3.29 10.82
C MET A 74 9.24 -4.80 10.88
N SER A 75 8.40 -5.35 9.99
CA SER A 75 8.13 -6.79 9.98
C SER A 75 9.41 -7.59 9.75
N ASN A 76 10.22 -7.18 8.77
CA ASN A 76 11.44 -7.94 8.49
C ASN A 76 12.46 -7.80 9.60
N ARG A 77 12.53 -6.63 10.25
CA ARG A 77 13.44 -6.47 11.38
C ARG A 77 13.05 -7.40 12.53
N LEU A 78 11.76 -7.45 12.86
CA LEU A 78 11.31 -8.40 13.88
C LEU A 78 11.63 -9.83 13.48
N MET A 79 11.29 -10.20 12.24
CA MET A 79 11.51 -11.57 11.77
C MET A 79 12.98 -11.97 11.83
N GLU A 80 13.87 -11.08 11.41
CA GLU A 80 15.29 -11.37 11.48
C GLU A 80 15.78 -11.56 12.90
N ASN A 81 14.96 -11.22 13.89
CA ASN A 81 15.36 -11.33 15.29
C ASN A 81 14.50 -12.33 16.07
N GLY A 82 13.82 -13.25 15.38
CA GLY A 82 13.07 -14.30 16.05
C GLY A 82 11.68 -13.94 16.50
N ILE A 83 11.13 -12.82 16.03
CA ILE A 83 9.78 -12.39 16.41
C ILE A 83 8.94 -12.41 15.14
N ALA A 84 7.84 -13.15 15.17
CA ALA A 84 6.95 -13.15 14.02
C ALA A 84 6.14 -11.85 13.97
N ALA A 85 5.84 -11.42 12.75
CA ALA A 85 5.13 -10.17 12.50
C ALA A 85 3.94 -10.46 11.61
N VAL A 86 2.76 -10.02 12.03
CA VAL A 86 1.52 -10.27 11.29
C VAL A 86 0.79 -8.95 11.11
N ARG A 87 0.30 -8.70 9.89
CA ARG A 87 -0.38 -7.44 9.62
C ARG A 87 -1.47 -7.66 8.58
N PHE A 88 -2.70 -7.26 8.92
CA PHE A 88 -3.87 -7.41 8.05
C PHE A 88 -4.32 -6.03 7.56
N ASP A 89 -4.93 -6.01 6.37
CA ASP A 89 -5.77 -4.87 6.00
C ASP A 89 -7.07 -4.93 6.80
N PHE A 90 -7.41 -3.85 7.49
CA PHE A 90 -8.71 -3.81 8.14
C PHE A 90 -9.81 -3.92 7.09
N GLY A 91 -11.02 -4.32 7.52
CA GLY A 91 -12.16 -4.28 6.65
C GLY A 91 -12.30 -2.91 6.00
N CYS A 92 -12.69 -2.87 4.73
CA CYS A 92 -12.86 -1.64 3.95
C CYS A 92 -11.55 -0.92 3.67
N HIS A 93 -10.42 -1.58 3.89
CA HIS A 93 -9.10 -1.01 3.60
C HIS A 93 -8.32 -1.98 2.74
N GLY A 94 -7.43 -1.43 1.90
CA GLY A 94 -6.53 -2.27 1.13
C GLY A 94 -7.24 -3.38 0.38
N GLU A 95 -6.70 -4.59 0.50
CA GLU A 95 -7.19 -5.74 -0.25
C GLU A 95 -8.28 -6.53 0.47
N SER A 96 -8.65 -6.14 1.69
CA SER A 96 -9.74 -6.84 2.38
C SER A 96 -11.08 -6.48 1.74
N ASP A 97 -12.08 -7.31 2.03
CA ASP A 97 -13.46 -7.03 1.63
C ASP A 97 -13.98 -5.75 2.31
N GLY A 98 -15.02 -5.18 1.73
CA GLY A 98 -15.73 -4.07 2.34
C GLY A 98 -15.51 -2.77 1.59
N GLU A 99 -16.57 -1.95 1.53
CA GLU A 99 -16.52 -0.63 0.90
C GLU A 99 -16.21 0.44 1.94
N PHE A 100 -15.35 1.40 1.58
CA PHE A 100 -15.06 2.49 2.49
C PHE A 100 -16.33 3.21 2.93
N GLU A 101 -17.35 3.25 2.06
CA GLU A 101 -18.57 3.96 2.41
C GLU A 101 -19.29 3.32 3.59
N ASP A 102 -19.00 2.06 3.88
CA ASP A 102 -19.63 1.37 5.00
C ASP A 102 -18.73 1.33 6.24
N PHE A 103 -17.54 1.92 6.18
CA PHE A 103 -16.58 1.75 7.28
C PHE A 103 -17.04 2.50 8.53
N THR A 104 -16.81 1.90 9.69
CA THR A 104 -16.98 2.56 10.99
C THR A 104 -15.81 2.21 11.88
N PHE A 105 -15.50 3.12 12.82
CA PHE A 105 -14.41 2.82 13.75
C PHE A 105 -14.79 1.68 14.70
N SER A 106 -16.07 1.59 15.09
CA SER A 106 -16.52 0.44 15.87
C SER A 106 -16.17 -0.88 15.18
N GLN A 107 -16.39 -0.95 13.85
CA GLN A 107 -16.02 -2.16 13.12
C GLN A 107 -14.52 -2.42 13.19
N GLU A 108 -13.71 -1.36 13.11
CA GLU A 108 -12.27 -1.52 13.21
C GLU A 108 -11.88 -2.11 14.57
N LEU A 109 -12.50 -1.62 15.65
CA LEU A 109 -12.22 -2.15 16.97
C LEU A 109 -12.67 -3.61 17.09
N ASN A 110 -13.84 -3.93 16.55
CA ASN A 110 -14.32 -5.31 16.60
C ASN A 110 -13.40 -6.23 15.81
N GLU A 111 -12.92 -5.76 14.64
CA GLU A 111 -11.99 -6.58 13.87
C GLU A 111 -10.67 -6.74 14.61
N GLY A 112 -10.19 -5.66 15.24
CA GLY A 112 -8.95 -5.76 15.98
C GLY A 112 -9.03 -6.80 17.09
N SER A 113 -10.17 -6.84 17.79
CA SER A 113 -10.38 -7.86 18.82
C SER A 113 -10.40 -9.26 18.21
N ALA A 114 -11.13 -9.43 17.11
CA ALA A 114 -11.21 -10.75 16.47
C ALA A 114 -9.88 -11.17 15.85
N LEU A 115 -9.09 -10.21 15.36
CA LEU A 115 -7.77 -10.55 14.84
C LEU A 115 -6.84 -11.07 15.93
N ILE A 116 -6.98 -10.57 17.16
CA ILE A 116 -6.19 -11.16 18.25
C ILE A 116 -6.47 -12.66 18.35
N ASP A 117 -7.75 -13.04 18.36
CA ASP A 117 -8.09 -14.46 18.45
C ASP A 117 -7.66 -15.24 17.22
N ALA A 118 -7.81 -14.66 16.03
CA ALA A 118 -7.43 -15.41 14.83
C ALA A 118 -5.93 -15.61 14.75
N VAL A 119 -5.15 -14.58 15.09
CA VAL A 119 -3.69 -14.70 14.97
C VAL A 119 -3.11 -15.56 16.09
N LYS A 120 -3.68 -15.47 17.30
CA LYS A 120 -3.20 -16.33 18.39
C LYS A 120 -3.43 -17.81 18.07
N SER A 121 -4.40 -18.12 17.22
CA SER A 121 -4.66 -19.48 16.75
C SER A 121 -3.74 -19.94 15.63
N MET A 122 -2.90 -19.07 15.06
CA MET A 122 -2.06 -19.51 13.95
C MET A 122 -0.94 -20.40 14.45
N SER A 123 -0.51 -21.32 13.57
CA SER A 123 0.34 -22.41 14.01
C SER A 123 1.70 -21.93 14.52
N PHE A 124 2.21 -20.84 13.99
CA PHE A 124 3.55 -20.36 14.34
C PHE A 124 3.56 -19.37 15.50
N VAL A 125 2.40 -19.06 16.10
CA VAL A 125 2.30 -18.00 17.09
C VAL A 125 2.33 -18.61 18.49
N ASP A 126 3.22 -18.08 19.33
CA ASP A 126 3.20 -18.35 20.76
C ASP A 126 2.20 -17.40 21.40
N SER A 127 1.02 -17.91 21.73
CA SER A 127 -0.04 -17.04 22.23
C SER A 127 0.25 -16.49 23.64
N THR A 128 1.29 -16.94 24.32
CA THR A 128 1.64 -16.36 25.62
C THR A 128 2.61 -15.19 25.49
N LYS A 129 3.13 -14.92 24.29
CA LYS A 129 4.09 -13.84 24.05
C LYS A 129 3.62 -13.09 22.81
N PHE A 130 2.67 -12.18 23.01
CA PHE A 130 1.87 -11.64 21.91
C PHE A 130 1.60 -10.16 22.19
N SER A 131 1.95 -9.29 21.25
CA SER A 131 1.85 -7.85 21.43
C SER A 131 1.20 -7.18 20.23
N LEU A 132 0.75 -5.93 20.44
CA LEU A 132 0.21 -5.09 19.39
C LEU A 132 1.17 -3.94 19.11
N LEU A 133 1.23 -3.55 17.84
CA LEU A 133 1.90 -2.35 17.35
C LEU A 133 0.90 -1.57 16.51
N GLY A 134 0.85 -0.28 16.72
CA GLY A 134 0.03 0.57 15.92
C GLY A 134 0.74 1.76 15.28
N GLU A 135 0.17 2.27 14.21
CA GLU A 135 0.61 3.50 13.61
C GLU A 135 -0.62 4.38 13.48
N SER A 136 -0.49 5.64 13.89
CA SER A 136 -1.56 6.62 13.80
C SER A 136 -2.91 6.15 14.35
N LEU A 137 -3.94 6.11 13.53
CA LEU A 137 -5.26 5.66 13.96
C LEU A 137 -5.27 4.18 14.45
N GLY A 138 -4.42 3.35 13.87
CA GLY A 138 -4.17 2.00 14.27
C GLY A 138 -3.70 1.98 15.73
N SER A 139 -2.90 2.96 16.14
CA SER A 139 -2.47 3.05 17.52
C SER A 139 -3.66 3.28 18.44
N VAL A 140 -4.60 4.10 17.99
CA VAL A 140 -5.79 4.38 18.75
C VAL A 140 -6.60 3.06 18.92
N ALA A 141 -6.82 2.38 17.82
CA ALA A 141 -7.52 1.11 17.85
C ALA A 141 -6.81 0.14 18.77
N ALA A 142 -5.49 0.07 18.66
CA ALA A 142 -4.70 -0.83 19.51
C ALA A 142 -4.84 -0.44 20.97
N SER A 143 -4.87 0.86 21.27
CA SER A 143 -4.97 1.27 22.68
C SER A 143 -6.32 0.87 23.25
N ILE A 144 -7.38 0.98 22.46
CA ILE A 144 -8.73 0.64 22.94
C ILE A 144 -8.88 -0.88 23.04
N VAL A 145 -8.46 -1.60 22.01
CA VAL A 145 -8.53 -3.07 22.05
C VAL A 145 -7.73 -3.59 23.23
N ALA A 146 -6.54 -3.04 23.47
CA ALA A 146 -5.70 -3.51 24.57
C ALA A 146 -6.40 -3.32 25.91
N GLY A 147 -7.13 -2.21 26.06
CA GLY A 147 -7.82 -1.97 27.32
C GLY A 147 -8.99 -2.91 27.53
N LYS A 148 -9.71 -3.24 26.45
CA LYS A 148 -10.79 -4.20 26.54
C LYS A 148 -10.28 -5.63 26.71
N ARG A 149 -9.11 -5.94 26.17
CA ARG A 149 -8.58 -7.30 26.26
C ARG A 149 -7.34 -7.27 27.13
N SER A 150 -7.46 -6.71 28.33
CA SER A 150 -6.27 -6.26 29.07
C SER A 150 -5.38 -7.40 29.53
N THR A 151 -5.85 -8.64 29.53
CA THR A 151 -4.99 -9.76 29.94
C THR A 151 -4.38 -10.50 28.76
N GLU A 152 -4.67 -10.09 27.52
CA GLU A 152 -4.27 -10.83 26.32
C GLU A 152 -2.94 -10.40 25.74
N LEU A 153 -2.38 -9.26 26.14
CA LEU A 153 -1.25 -8.68 25.42
C LEU A 153 -0.03 -8.57 26.32
N THR A 154 1.09 -9.07 25.82
CA THR A 154 2.35 -8.99 26.56
C THR A 154 2.85 -7.55 26.64
N SER A 155 2.64 -6.76 25.59
CA SER A 155 3.07 -5.36 25.56
C SER A 155 2.36 -4.66 24.41
N LEU A 156 2.48 -3.33 24.40
CA LEU A 156 1.78 -2.48 23.43
C LEU A 156 2.73 -1.38 23.00
N CYS A 157 2.89 -1.18 21.69
CA CYS A 157 3.68 -0.07 21.18
C CYS A 157 2.83 0.78 20.24
N MET A 158 2.83 2.10 20.44
CA MET A 158 2.01 3.00 19.64
C MET A 158 2.88 4.08 19.01
N TRP A 159 2.87 4.12 17.68
CA TRP A 159 3.52 5.20 16.93
C TRP A 159 2.49 6.27 16.59
N SER A 160 2.88 7.54 16.78
CA SER A 160 2.13 8.70 16.29
C SER A 160 0.63 8.56 16.50
N PRO A 161 0.15 8.27 17.71
CA PRO A 161 -1.28 7.97 17.86
C PRO A 161 -2.16 9.15 17.43
N ALA A 162 -3.11 8.87 16.54
CA ALA A 162 -4.02 9.89 16.02
C ALA A 162 -5.23 10.09 16.94
N ALA A 163 -4.98 10.32 18.23
CA ALA A 163 -6.07 10.32 19.21
C ALA A 163 -6.85 11.62 19.25
N SER A 164 -6.53 12.58 18.38
CA SER A 164 -7.29 13.81 18.26
C SER A 164 -8.53 13.68 17.37
N PHE A 165 -8.76 12.53 16.72
CA PHE A 165 -9.73 12.53 15.62
C PHE A 165 -11.14 12.78 16.11
N LEU A 166 -11.48 12.31 17.33
CA LEU A 166 -12.81 12.61 17.86
C LEU A 166 -12.95 14.10 18.15
N ASP A 167 -11.95 14.68 18.83
CA ASP A 167 -11.99 16.12 19.08
C ASP A 167 -12.06 16.91 17.78
N GLU A 168 -11.28 16.53 16.77
CA GLU A 168 -11.30 17.30 15.54
C GLU A 168 -12.66 17.23 14.86
N ILE A 169 -13.21 16.03 14.71
CA ILE A 169 -14.44 15.88 13.94
C ILE A 169 -15.63 16.46 14.70
N LEU A 170 -15.75 16.12 15.99
CA LEU A 170 -16.94 16.49 16.74
C LEU A 170 -16.90 17.93 17.26
N ASN A 171 -15.72 18.46 17.58
CA ASN A 171 -15.63 19.83 18.07
C ASN A 171 -15.23 20.84 17.01
N ASP A 172 -14.29 20.49 16.12
CA ASP A 172 -13.87 21.43 15.09
C ASP A 172 -14.53 21.18 13.75
N HIS A 173 -15.31 20.11 13.63
CA HIS A 173 -16.09 19.83 12.42
C HIS A 173 -15.20 19.70 11.18
N THR A 174 -13.97 19.22 11.35
CA THR A 174 -13.12 18.89 10.21
C THR A 174 -12.48 17.52 10.42
N LEU A 175 -12.06 16.93 9.31
CA LEU A 175 -11.35 15.65 9.30
C LEU A 175 -10.08 15.90 8.48
N GLN A 176 -8.95 15.89 9.18
CA GLN A 176 -7.66 16.28 8.59
C GLN A 176 -7.81 17.60 7.82
N GLY A 177 -8.48 18.56 8.46
CA GLY A 177 -8.59 19.90 7.95
C GLY A 177 -9.75 20.17 6.99
N LYS A 178 -10.45 19.14 6.52
CA LYS A 178 -11.55 19.34 5.57
C LYS A 178 -12.90 19.21 6.28
N THR A 179 -13.84 20.06 5.89
CA THR A 179 -15.11 20.14 6.60
C THR A 179 -15.88 18.82 6.52
N VAL A 180 -16.58 18.48 7.62
CA VAL A 180 -17.50 17.35 7.66
C VAL A 180 -18.96 17.81 7.64
N ASP A 181 -19.21 19.11 7.49
CA ASP A 181 -20.57 19.63 7.66
C ASP A 181 -21.50 19.34 6.49
N ASN A 182 -21.01 18.76 5.40
CA ASN A 182 -21.86 18.45 4.26
C ASN A 182 -22.22 16.97 4.18
N VAL A 183 -21.71 16.14 5.11
CA VAL A 183 -21.93 14.70 5.01
C VAL A 183 -23.43 14.38 5.08
N GLU A 184 -24.16 15.07 5.94
CA GLU A 184 -25.58 14.78 6.10
C GLU A 184 -26.35 15.08 4.83
N LYS A 185 -26.05 16.22 4.19
CA LYS A 185 -26.74 16.63 2.96
C LYS A 185 -26.27 15.83 1.75
N ASP A 186 -24.98 15.50 1.68
CA ASP A 186 -24.44 14.92 0.46
C ASP A 186 -24.20 13.41 0.54
N GLY A 187 -24.38 12.81 1.70
CA GLY A 187 -24.32 11.36 1.81
C GLY A 187 -22.97 10.78 2.17
N TYR A 188 -21.88 11.47 1.86
CA TYR A 188 -20.56 10.91 2.14
C TYR A 188 -19.54 12.03 2.23
N PHE A 189 -18.35 11.65 2.69
CA PHE A 189 -17.17 12.49 2.77
C PHE A 189 -16.14 11.95 1.78
N ASP A 190 -15.54 12.85 0.99
CA ASP A 190 -14.55 12.47 -0.03
C ASP A 190 -13.17 12.43 0.63
N PHE A 191 -12.62 11.22 0.81
CA PHE A 191 -11.27 11.06 1.38
C PHE A 191 -10.35 10.51 0.29
N TYR A 192 -9.62 11.42 -0.39
CA TYR A 192 -8.64 11.07 -1.42
C TYR A 192 -9.21 10.14 -2.48
N GLY A 193 -10.46 10.36 -2.88
CA GLY A 193 -11.08 9.55 -3.91
C GLY A 193 -11.92 8.41 -3.39
N LEU A 194 -11.87 8.13 -2.09
CA LEU A 194 -12.71 7.14 -1.43
C LEU A 194 -13.93 7.83 -0.82
N LYS A 195 -15.05 7.11 -0.80
CA LYS A 195 -16.29 7.58 -0.19
C LYS A 195 -16.36 7.10 1.25
N LEU A 196 -16.43 8.04 2.19
CA LEU A 196 -16.59 7.74 3.61
C LEU A 196 -18.03 8.09 3.98
N GLY A 197 -18.79 7.09 4.42
CA GLY A 197 -20.23 7.24 4.56
C GLY A 197 -20.68 7.91 5.86
N LYS A 198 -21.98 8.20 5.91
CA LYS A 198 -22.59 8.79 7.09
C LYS A 198 -22.47 7.87 8.31
N ALA A 199 -22.46 6.55 8.09
CA ALA A 199 -22.37 5.59 9.19
C ALA A 199 -21.13 5.83 10.05
N PHE A 200 -19.99 6.10 9.40
CA PHE A 200 -18.77 6.41 10.15
C PHE A 200 -19.03 7.56 11.14
N PHE A 201 -19.69 8.61 10.69
CA PHE A 201 -19.85 9.80 11.52
C PHE A 201 -20.88 9.56 12.62
N ASP A 202 -21.98 8.88 12.30
CA ASP A 202 -22.96 8.52 13.32
C ASP A 202 -22.41 7.58 14.38
N ASP A 203 -21.30 6.88 14.08
CA ASP A 203 -20.70 5.93 15.00
C ASP A 203 -19.74 6.59 15.99
N LEU A 204 -19.28 7.82 15.70
CA LEU A 204 -18.28 8.44 16.57
C LEU A 204 -18.79 8.62 17.99
N LYS A 205 -20.10 8.81 18.16
CA LYS A 205 -20.66 8.97 19.50
C LYS A 205 -20.41 7.76 20.39
N ASN A 206 -20.17 6.57 19.80
CA ASN A 206 -19.94 5.35 20.56
C ASN A 206 -18.49 5.16 21.01
N ILE A 207 -17.57 6.01 20.60
CA ILE A 207 -16.15 5.73 20.79
C ILE A 207 -15.64 6.41 22.05
N ASN A 208 -14.91 5.66 22.88
CA ASN A 208 -14.17 6.22 24.00
C ASN A 208 -12.74 5.74 23.92
N ILE A 209 -11.79 6.69 23.91
CA ILE A 209 -10.39 6.35 23.81
C ILE A 209 -9.79 6.12 25.20
N PHE A 210 -9.74 7.17 26.02
CA PHE A 210 -8.81 7.14 27.14
C PHE A 210 -9.31 6.34 28.33
N ASP A 211 -10.62 6.34 28.59
CA ASP A 211 -11.15 5.48 29.64
C ASP A 211 -10.98 4.01 29.30
N ASN A 212 -11.09 3.65 28.02
CA ASN A 212 -10.77 2.28 27.63
C ASN A 212 -9.28 2.01 27.73
N ALA A 213 -8.45 2.91 27.19
CA ALA A 213 -7.02 2.63 27.07
C ALA A 213 -6.37 2.42 28.43
N LYS A 214 -6.83 3.17 29.45
CA LYS A 214 -6.12 3.10 30.72
C LYS A 214 -6.35 1.79 31.46
N LYS A 215 -7.24 0.93 30.96
CA LYS A 215 -7.43 -0.38 31.58
C LYS A 215 -6.26 -1.31 31.33
N TYR A 216 -5.40 -1.03 30.35
CA TYR A 216 -4.27 -1.90 30.08
C TYR A 216 -3.10 -1.47 30.96
N GLN A 217 -2.57 -2.41 31.74
CA GLN A 217 -1.52 -2.12 32.72
C GLN A 217 -0.20 -2.78 32.38
N GLY A 218 -0.06 -3.36 31.19
CA GLY A 218 1.21 -3.91 30.79
C GLY A 218 2.15 -2.84 30.28
N PRO A 219 3.32 -3.26 29.85
CA PRO A 219 4.31 -2.32 29.30
C PRO A 219 3.80 -1.67 28.02
N VAL A 220 3.94 -0.35 27.95
CA VAL A 220 3.50 0.44 26.81
C VAL A 220 4.61 1.39 26.39
N LYS A 221 4.85 1.49 25.10
CA LYS A 221 5.80 2.46 24.56
C LYS A 221 5.06 3.28 23.53
N ILE A 222 5.18 4.60 23.64
CA ILE A 222 4.63 5.53 22.67
C ILE A 222 5.80 6.27 22.05
N VAL A 223 5.81 6.39 20.72
CA VAL A 223 6.84 7.17 20.04
C VAL A 223 6.15 8.30 19.30
N TYR A 224 6.52 9.54 19.64
CA TYR A 224 5.94 10.74 19.08
C TYR A 224 7.05 11.57 18.43
N GLY A 225 6.82 12.06 17.22
CA GLY A 225 7.77 12.92 16.53
C GLY A 225 7.34 14.39 16.60
N THR A 226 8.32 15.28 16.82
CA THR A 226 7.97 16.67 17.11
C THR A 226 7.30 17.37 15.92
N ASN A 227 7.41 16.84 14.71
CA ASN A 227 6.73 17.39 13.54
C ASN A 227 5.42 16.67 13.23
N ASP A 228 4.96 15.78 14.11
CA ASP A 228 3.63 15.19 13.94
C ASP A 228 2.58 16.29 13.98
N PHE A 229 1.60 16.20 13.07
CA PHE A 229 0.51 17.18 13.12
C PHE A 229 -0.46 16.91 14.27
N ILE A 230 -0.49 15.69 14.80
CA ILE A 230 -1.26 15.45 16.03
C ILE A 230 -0.58 16.20 17.18
N PRO A 231 -1.33 16.92 18.03
CA PRO A 231 -0.69 17.62 19.16
C PRO A 231 -0.07 16.64 20.16
N GLU A 232 1.11 17.02 20.66
CA GLU A 232 1.83 16.21 21.64
C GLU A 232 1.00 15.94 22.90
N LYS A 233 0.04 16.82 23.22
CA LYS A 233 -0.72 16.66 24.46
C LYS A 233 -1.42 15.30 24.52
N TYR A 234 -1.83 14.75 23.38
CA TYR A 234 -2.58 13.48 23.40
C TYR A 234 -1.72 12.32 23.88
N SER A 235 -0.43 12.32 23.52
CA SER A 235 0.48 11.31 24.06
C SER A 235 0.65 11.45 25.57
N HIS A 236 0.66 12.68 26.08
CA HIS A 236 0.74 12.83 27.53
C HIS A 236 -0.55 12.38 28.22
N LYS A 237 -1.70 12.54 27.56
CA LYS A 237 -2.94 12.00 28.13
C LYS A 237 -2.89 10.48 28.22
N TYR A 238 -2.36 9.81 27.19
CA TYR A 238 -2.15 8.37 27.26
C TYR A 238 -1.25 8.01 28.45
N MET A 239 -0.09 8.68 28.55
CA MET A 239 0.85 8.37 29.62
C MET A 239 0.20 8.56 30.99
N ASP A 240 -0.66 9.57 31.11
CA ASP A 240 -1.36 9.86 32.36
C ASP A 240 -2.18 8.67 32.82
N GLY A 241 -2.65 7.85 31.87
CA GLY A 241 -3.47 6.71 32.24
C GLY A 241 -2.73 5.38 32.33
N TYR A 242 -1.46 5.35 31.94
CA TYR A 242 -0.70 4.10 31.92
C TYR A 242 0.19 3.98 33.16
N GLU A 243 0.05 2.88 33.89
CA GLU A 243 0.93 2.67 35.02
C GLU A 243 2.33 2.25 34.62
N ASN A 244 2.51 1.70 33.40
CA ASN A 244 3.82 1.23 32.96
C ASN A 244 4.08 1.70 31.52
N GLY A 245 4.08 3.02 31.31
CA GLY A 245 4.31 3.60 30.01
C GLY A 245 5.70 4.21 29.88
N GLU A 246 6.12 4.35 28.63
CA GLU A 246 7.36 5.04 28.26
C GLU A 246 7.07 5.88 27.01
N LEU A 247 7.43 7.16 27.05
CA LEU A 247 7.21 8.05 25.91
C LEU A 247 8.55 8.47 25.33
N VAL A 248 8.78 8.16 24.05
CA VAL A 248 9.97 8.61 23.34
C VAL A 248 9.56 9.76 22.44
N ILE A 249 10.23 10.89 22.58
CA ILE A 249 10.01 12.06 21.73
C ILE A 249 11.17 12.17 20.75
N VAL A 250 10.89 12.01 19.45
CA VAL A 250 11.90 12.01 18.40
C VAL A 250 11.96 13.41 17.80
N GLN A 251 13.07 14.11 18.02
CA GLN A 251 13.23 15.44 17.46
C GLN A 251 13.21 15.37 15.94
N ASP A 252 12.30 16.14 15.33
CA ASP A 252 12.12 16.24 13.89
C ASP A 252 11.48 15.00 13.26
N GLY A 253 10.99 14.06 14.05
CA GLY A 253 10.20 12.97 13.49
C GLY A 253 8.83 13.45 13.06
N ASP A 254 8.28 12.82 12.02
CA ASP A 254 6.97 13.23 11.53
C ASP A 254 5.98 12.08 11.64
N HIS A 255 4.72 12.38 11.29
CA HIS A 255 3.62 11.45 11.52
C HIS A 255 3.93 10.04 10.98
N GLY A 256 4.45 9.97 9.77
CA GLY A 256 4.72 8.72 9.08
C GLY A 256 6.16 8.27 9.06
N TRP A 257 7.06 8.91 9.82
CA TRP A 257 8.47 8.52 9.88
C TRP A 257 9.07 8.52 8.48
N GLN A 258 8.88 9.64 7.79
CA GLN A 258 9.17 9.77 6.37
C GLN A 258 10.43 10.62 6.12
N SER A 259 11.45 10.39 6.93
CA SER A 259 12.83 10.79 6.63
C SER A 259 13.72 9.61 6.99
N VAL A 260 14.84 9.48 6.27
CA VAL A 260 15.75 8.37 6.54
C VAL A 260 16.22 8.35 7.98
N PRO A 261 16.65 9.48 8.58
CA PRO A 261 17.00 9.43 10.02
C PRO A 261 15.85 9.04 10.93
N SER A 262 14.65 9.59 10.74
CA SER A 262 13.57 9.23 11.65
C SER A 262 13.09 7.80 11.40
N ARG A 263 13.25 7.29 10.17
CA ARG A 263 12.90 5.90 9.89
C ARG A 263 13.82 4.96 10.65
N LYS A 264 15.13 5.20 10.59
CA LYS A 264 16.06 4.38 11.35
C LYS A 264 15.71 4.42 12.84
N ARG A 265 15.36 5.59 13.34
CA ARG A 265 15.07 5.75 14.76
C ARG A 265 13.81 4.97 15.16
N ILE A 266 12.75 5.04 14.36
CA ILE A 266 11.51 4.35 14.73
C ILE A 266 11.71 2.84 14.70
N LEU A 267 12.43 2.33 13.70
CA LEU A 267 12.69 0.88 13.64
C LEU A 267 13.53 0.43 14.84
N ASP A 268 14.60 1.17 15.15
CA ASP A 268 15.46 0.82 16.28
C ASP A 268 14.71 0.87 17.61
N GLU A 269 13.99 1.97 17.87
CA GLU A 269 13.29 2.11 19.15
C GLU A 269 12.26 1.01 19.34
N THR A 270 11.63 0.57 18.25
CA THR A 270 10.58 -0.43 18.36
C THR A 270 11.18 -1.82 18.53
N MET A 271 12.25 -2.13 17.79
CA MET A 271 12.95 -3.40 17.97
C MET A 271 13.46 -3.54 19.40
N LYS A 272 14.00 -2.46 19.96
CA LYS A 272 14.48 -2.50 21.34
C LYS A 272 13.36 -2.82 22.31
N PHE A 273 12.19 -2.17 22.15
CA PHE A 273 11.06 -2.44 23.04
C PHE A 273 10.60 -3.89 22.96
N PHE A 274 10.46 -4.44 21.74
CA PHE A 274 9.94 -5.79 21.65
C PHE A 274 10.98 -6.83 22.01
N ARG A 275 12.27 -6.54 21.80
CA ARG A 275 13.31 -7.40 22.36
C ARG A 275 13.18 -7.48 23.87
N LYS A 276 12.99 -6.32 24.53
CA LYS A 276 12.85 -6.30 25.98
C LYS A 276 11.61 -7.04 26.44
N THR A 277 10.45 -6.77 25.81
CA THR A 277 9.19 -7.29 26.34
C THR A 277 8.83 -8.69 25.84
N LEU A 278 9.39 -9.14 24.72
CA LEU A 278 9.06 -10.45 24.13
C LEU A 278 10.22 -11.44 24.12
N LEU A 279 11.47 -10.99 24.07
CA LEU A 279 12.60 -11.90 24.00
C LEU A 279 13.34 -12.05 25.33
N GLU A 280 13.34 -11.02 26.17
CA GLU A 280 14.15 -11.00 27.38
C GLU A 280 13.36 -11.08 28.67
N ALA A 281 12.03 -11.08 28.61
CA ALA A 281 11.22 -11.12 29.83
C ALA A 281 10.83 -12.56 30.21
N TYR B 19 -18.06 -25.51 -11.38
CA TYR B 19 -18.08 -24.05 -11.53
C TYR B 19 -17.56 -23.35 -10.27
N PHE B 20 -16.76 -22.30 -10.46
CA PHE B 20 -16.10 -21.59 -9.37
C PHE B 20 -16.46 -20.10 -9.40
N GLN B 21 -16.75 -19.55 -8.22
CA GLN B 21 -16.96 -18.12 -8.10
C GLN B 21 -15.63 -17.38 -8.21
N SER B 22 -15.71 -16.08 -8.50
CA SER B 22 -14.53 -15.23 -8.56
C SER B 22 -13.73 -15.32 -7.26
N MET B 23 -12.42 -15.10 -7.36
CA MET B 23 -11.58 -15.23 -6.19
C MET B 23 -10.39 -14.28 -6.29
N ILE B 24 -9.88 -13.92 -5.12
CA ILE B 24 -8.66 -13.15 -4.99
C ILE B 24 -7.60 -14.07 -4.40
N LYS B 25 -6.45 -14.15 -5.04
CA LYS B 25 -5.41 -15.05 -4.54
C LYS B 25 -4.07 -14.37 -4.70
N PHE B 26 -3.10 -14.84 -3.92
CA PHE B 26 -1.78 -14.22 -3.95
C PHE B 26 -0.83 -15.07 -4.76
N VAL B 27 0.09 -14.40 -5.44
CA VAL B 27 1.00 -15.07 -6.38
C VAL B 27 2.41 -14.58 -6.14
N THR B 28 3.39 -15.42 -6.46
CA THR B 28 4.79 -15.01 -6.37
C THR B 28 5.52 -15.49 -7.62
N THR B 29 6.65 -14.86 -7.87
CA THR B 29 7.56 -15.29 -8.93
C THR B 29 8.96 -14.83 -8.56
N GLU B 30 9.95 -15.50 -9.15
CA GLU B 30 11.36 -15.22 -8.92
C GLU B 30 11.94 -14.62 -10.19
N ILE B 31 12.50 -13.42 -10.09
CA ILE B 31 13.11 -12.75 -11.23
C ILE B 31 14.46 -12.21 -10.79
N ASN B 32 15.53 -12.69 -11.44
CA ASN B 32 16.89 -12.27 -11.14
C ASN B 32 17.23 -12.47 -9.66
N GLY B 33 16.70 -13.54 -9.06
CA GLY B 33 17.00 -13.84 -7.69
C GLY B 33 16.15 -13.12 -6.65
N LEU B 34 15.23 -12.25 -7.07
CA LEU B 34 14.30 -11.61 -6.15
C LEU B 34 12.93 -12.27 -6.25
N THR B 35 12.29 -12.49 -5.11
CA THR B 35 10.90 -12.91 -5.10
C THR B 35 10.01 -11.67 -5.23
N LEU B 36 9.17 -11.64 -6.26
CA LEU B 36 8.17 -10.59 -6.41
C LEU B 36 6.82 -11.14 -5.98
N ARG B 37 6.06 -10.34 -5.24
CA ARG B 37 4.80 -10.77 -4.65
C ARG B 37 3.66 -9.96 -5.22
N GLY B 38 2.54 -10.61 -5.49
CA GLY B 38 1.42 -9.97 -6.16
C GLY B 38 0.07 -10.54 -5.79
N THR B 39 -0.96 -9.98 -6.41
CA THR B 39 -2.34 -10.36 -6.16
C THR B 39 -3.02 -10.60 -7.49
N ALA B 40 -3.86 -11.62 -7.56
CA ALA B 40 -4.62 -11.95 -8.77
C ALA B 40 -6.11 -11.94 -8.46
N HIS B 41 -6.87 -11.25 -9.29
CA HIS B 41 -8.34 -11.24 -9.19
C HIS B 41 -8.88 -12.06 -10.37
N VAL B 42 -9.50 -13.19 -10.08
CA VAL B 42 -9.89 -14.17 -11.10
C VAL B 42 -11.41 -14.15 -11.22
N PRO B 43 -11.96 -13.94 -12.42
CA PRO B 43 -13.43 -13.96 -12.58
C PRO B 43 -13.99 -15.34 -12.28
N ASP B 44 -15.29 -15.40 -12.05
CA ASP B 44 -15.92 -16.71 -11.93
C ASP B 44 -15.96 -17.39 -13.30
N GLY B 45 -15.94 -18.72 -13.27
CA GLY B 45 -16.04 -19.47 -14.50
C GLY B 45 -15.84 -20.95 -14.24
N GLU B 46 -15.72 -21.70 -15.35
CA GLU B 46 -15.52 -23.13 -15.27
C GLU B 46 -14.07 -23.44 -14.85
N PRO B 47 -13.84 -24.63 -14.28
CA PRO B 47 -12.47 -25.02 -13.94
C PRO B 47 -11.56 -24.96 -15.16
N GLY B 48 -10.35 -24.45 -14.94
CA GLY B 48 -9.36 -24.32 -15.99
C GLY B 48 -9.65 -23.27 -17.05
N GLN B 49 -10.73 -22.49 -16.90
CA GLN B 49 -11.03 -21.47 -17.88
C GLN B 49 -9.89 -20.46 -17.98
N GLN B 50 -9.64 -19.97 -19.19
CA GLN B 50 -8.61 -18.95 -19.41
C GLN B 50 -9.29 -17.63 -19.76
N PHE B 51 -8.87 -16.55 -19.08
CA PHE B 51 -9.54 -15.27 -19.20
C PHE B 51 -8.66 -14.23 -19.88
N PRO B 52 -9.24 -13.26 -20.59
CA PRO B 52 -8.47 -12.06 -20.94
C PRO B 52 -7.94 -11.42 -19.66
N THR B 53 -6.77 -10.81 -19.75
CA THR B 53 -6.05 -10.46 -18.53
C THR B 53 -5.36 -9.11 -18.67
N VAL B 54 -5.43 -8.32 -17.59
CA VAL B 54 -4.68 -7.07 -17.48
C VAL B 54 -3.63 -7.23 -16.37
N LEU B 55 -2.38 -6.93 -16.71
CA LEU B 55 -1.29 -6.82 -15.74
C LEU B 55 -1.03 -5.33 -15.48
N MET B 56 -0.99 -4.96 -14.19
CA MET B 56 -0.90 -3.55 -13.78
C MET B 56 0.46 -3.26 -13.17
N PHE B 57 1.07 -2.15 -13.57
CA PHE B 57 2.36 -1.69 -13.04
C PHE B 57 2.12 -0.44 -12.19
N HIS B 58 2.56 -0.47 -10.93
CA HIS B 58 2.41 0.67 -10.03
C HIS B 58 3.54 1.68 -10.23
N GLY B 59 3.45 2.79 -9.48
CA GLY B 59 4.34 3.92 -9.65
C GLY B 59 5.57 3.87 -8.76
N PHE B 60 6.34 4.98 -8.80
CA PHE B 60 7.64 5.07 -8.17
C PHE B 60 7.53 5.09 -6.64
N GLY B 61 8.18 4.13 -5.98
CA GLY B 61 8.04 4.02 -4.54
C GLY B 61 6.64 3.72 -4.07
N ALA B 62 5.74 3.29 -4.94
CA ALA B 62 4.38 2.88 -4.60
C ALA B 62 4.34 1.38 -4.38
N VAL B 63 3.13 0.85 -4.15
CA VAL B 63 2.91 -0.58 -3.97
C VAL B 63 1.77 -1.02 -4.88
N ARG B 64 1.56 -2.34 -4.95
CA ARG B 64 0.63 -2.96 -5.88
C ARG B 64 -0.85 -2.56 -5.71
N ASP B 65 -1.20 -2.10 -4.53
CA ASP B 65 -2.52 -1.60 -4.24
C ASP B 65 -2.76 -0.29 -5.00
N GLU B 66 -1.69 0.49 -5.12
CA GLU B 66 -1.62 1.86 -5.60
C GLU B 66 -2.23 2.82 -4.52
N GLY B 67 -2.40 4.09 -4.80
CA GLY B 67 -2.89 4.98 -3.79
C GLY B 67 -4.36 4.89 -3.47
N PHE B 68 -4.67 4.80 -2.18
CA PHE B 68 -6.03 4.81 -1.73
C PHE B 68 -6.96 3.81 -2.42
N ARG B 69 -6.48 2.57 -2.54
CA ARG B 69 -7.18 1.43 -3.13
C ARG B 69 -7.38 1.53 -4.65
N LEU B 70 -6.62 2.38 -5.35
CA LEU B 70 -6.90 2.62 -6.77
C LEU B 70 -6.82 1.34 -7.62
N PHE B 71 -5.72 0.59 -7.50
CA PHE B 71 -5.58 -0.63 -8.32
C PHE B 71 -6.50 -1.73 -7.82
N ILE B 72 -6.84 -1.71 -6.53
CA ILE B 72 -7.78 -2.71 -5.99
C ILE B 72 -9.16 -2.52 -6.60
N GLN B 73 -9.65 -1.27 -6.65
CA GLN B 73 -10.94 -1.00 -7.28
C GLN B 73 -10.92 -1.35 -8.77
N MET B 74 -9.85 -1.00 -9.47
CA MET B 74 -9.77 -1.32 -10.89
C MET B 74 -9.73 -2.84 -11.09
N SER B 75 -8.99 -3.55 -10.23
CA SER B 75 -8.92 -5.01 -10.35
C SER B 75 -10.30 -5.64 -10.17
N ASN B 76 -11.04 -5.17 -9.17
CA ASN B 76 -12.35 -5.77 -8.93
C ASN B 76 -13.33 -5.42 -10.04
N ARG B 77 -13.27 -4.19 -10.55
CA ARG B 77 -14.12 -3.83 -11.68
C ARG B 77 -13.85 -4.73 -12.88
N LEU B 78 -12.58 -4.96 -13.20
CA LEU B 78 -12.25 -5.89 -14.27
C LEU B 78 -12.76 -7.29 -13.97
N MET B 79 -12.53 -7.77 -12.75
CA MET B 79 -12.86 -9.14 -12.39
C MET B 79 -14.37 -9.40 -12.49
N GLU B 80 -15.19 -8.44 -12.04
CA GLU B 80 -16.64 -8.56 -12.16
C GLU B 80 -17.12 -8.57 -13.61
N ASN B 81 -16.28 -8.17 -14.57
CA ASN B 81 -16.67 -8.16 -15.97
C ASN B 81 -15.93 -9.18 -16.81
N GLY B 82 -15.36 -10.21 -16.19
CA GLY B 82 -14.78 -11.30 -16.94
C GLY B 82 -13.35 -11.10 -17.40
N ILE B 83 -12.65 -10.09 -16.87
CA ILE B 83 -11.25 -9.87 -17.18
C ILE B 83 -10.43 -10.10 -15.92
N ALA B 84 -9.45 -11.01 -16.00
CA ALA B 84 -8.57 -11.23 -14.86
C ALA B 84 -7.63 -10.04 -14.68
N ALA B 85 -7.31 -9.74 -13.42
CA ALA B 85 -6.42 -8.65 -13.08
C ALA B 85 -5.30 -9.18 -12.19
N VAL B 86 -4.06 -8.88 -12.55
CA VAL B 86 -2.88 -9.31 -11.81
C VAL B 86 -2.00 -8.10 -11.57
N ARG B 87 -1.46 -7.98 -10.35
CA ARG B 87 -0.60 -6.85 -10.03
C ARG B 87 0.44 -7.27 -8.99
N PHE B 88 1.71 -6.98 -9.30
CA PHE B 88 2.84 -7.32 -8.46
C PHE B 88 3.48 -6.05 -7.88
N ASP B 89 4.09 -6.18 -6.71
CA ASP B 89 5.07 -5.20 -6.26
C ASP B 89 6.35 -5.40 -7.05
N PHE B 90 6.85 -4.34 -7.68
CA PHE B 90 8.16 -4.45 -8.32
C PHE B 90 9.22 -4.79 -7.28
N GLY B 91 10.34 -5.34 -7.76
CA GLY B 91 11.51 -5.48 -6.91
C GLY B 91 11.82 -4.20 -6.15
N CYS B 92 12.24 -4.34 -4.89
CA CYS B 92 12.57 -3.22 -4.00
C CYS B 92 11.37 -2.35 -3.69
N HIS B 93 10.16 -2.81 -3.98
CA HIS B 93 8.94 -2.09 -3.64
C HIS B 93 8.03 -3.01 -2.84
N GLY B 94 7.19 -2.39 -2.00
CA GLY B 94 6.13 -3.13 -1.34
C GLY B 94 6.67 -4.34 -0.61
N GLU B 95 5.97 -5.45 -0.76
CA GLU B 95 6.30 -6.70 -0.09
C GLU B 95 7.27 -7.57 -0.88
N SER B 96 7.73 -7.12 -2.05
CA SER B 96 8.71 -7.89 -2.82
C SER B 96 10.10 -7.76 -2.18
N ASP B 97 10.98 -8.70 -2.52
CA ASP B 97 12.37 -8.65 -2.06
C ASP B 97 13.08 -7.44 -2.66
N GLY B 98 14.19 -7.07 -2.04
CA GLY B 98 15.04 -6.03 -2.56
C GLY B 98 14.98 -4.76 -1.73
N GLU B 99 16.11 -4.07 -1.64
CA GLU B 99 16.26 -2.82 -0.91
C GLU B 99 16.07 -1.64 -1.85
N PHE B 100 15.38 -0.59 -1.39
CA PHE B 100 15.21 0.58 -2.26
C PHE B 100 16.56 1.15 -2.68
N GLU B 101 17.58 1.04 -1.82
CA GLU B 101 18.89 1.58 -2.14
C GLU B 101 19.52 0.89 -3.35
N ASP B 102 19.12 -0.34 -3.65
CA ASP B 102 19.61 -1.07 -4.81
C ASP B 102 18.72 -0.91 -6.05
N PHE B 103 17.63 -0.15 -5.95
CA PHE B 103 16.68 -0.04 -7.04
C PHE B 103 17.27 0.69 -8.24
N THR B 104 16.95 0.21 -9.44
CA THR B 104 17.23 0.91 -10.70
C THR B 104 16.04 0.74 -11.64
N PHE B 105 15.85 1.72 -12.52
CA PHE B 105 14.76 1.60 -13.50
C PHE B 105 15.01 0.49 -14.50
N SER B 106 16.28 0.23 -14.86
CA SER B 106 16.60 -0.91 -15.71
C SER B 106 16.09 -2.22 -15.10
N GLN B 107 16.25 -2.39 -13.78
CA GLN B 107 15.72 -3.59 -13.13
C GLN B 107 14.20 -3.65 -13.22
N GLU B 108 13.53 -2.50 -13.06
CA GLU B 108 12.08 -2.47 -13.20
C GLU B 108 11.66 -2.86 -14.61
N LEU B 109 12.38 -2.38 -15.63
CA LEU B 109 12.03 -2.75 -17.00
C LEU B 109 12.24 -4.24 -17.25
N ASN B 110 13.35 -4.81 -16.78
CA ASN B 110 13.56 -6.24 -16.92
C ASN B 110 12.47 -7.03 -16.22
N GLU B 111 12.07 -6.59 -15.02
CA GLU B 111 11.02 -7.28 -14.27
C GLU B 111 9.68 -7.17 -15.00
N GLY B 112 9.33 -5.99 -15.48
CA GLY B 112 8.08 -5.82 -16.19
C GLY B 112 7.99 -6.74 -17.41
N SER B 113 9.09 -6.86 -18.14
CA SER B 113 9.15 -7.82 -19.24
C SER B 113 8.98 -9.25 -18.75
N ALA B 114 9.76 -9.63 -17.73
CA ALA B 114 9.64 -10.99 -17.20
C ALA B 114 8.25 -11.27 -16.63
N LEU B 115 7.59 -10.25 -16.09
CA LEU B 115 6.27 -10.48 -15.53
C LEU B 115 5.26 -10.89 -16.61
N ILE B 116 5.47 -10.47 -17.86
CA ILE B 116 4.56 -10.92 -18.92
C ILE B 116 4.54 -12.44 -19.00
N ASP B 117 5.72 -13.06 -18.94
CA ASP B 117 5.79 -14.52 -19.03
C ASP B 117 5.33 -15.19 -17.75
N ALA B 118 5.65 -14.61 -16.59
CA ALA B 118 5.15 -15.16 -15.34
C ALA B 118 3.62 -15.16 -15.30
N VAL B 119 2.98 -14.10 -15.77
CA VAL B 119 1.52 -14.08 -15.71
C VAL B 119 0.91 -14.95 -16.80
N LYS B 120 1.46 -14.92 -18.02
CA LYS B 120 0.92 -15.78 -19.08
C LYS B 120 1.10 -17.27 -18.78
N SER B 121 2.01 -17.62 -17.88
CA SER B 121 2.16 -19.01 -17.46
C SER B 121 1.05 -19.46 -16.52
N MET B 122 0.35 -18.52 -15.86
CA MET B 122 -0.67 -18.87 -14.89
C MET B 122 -1.88 -19.55 -15.55
N SER B 123 -2.54 -20.43 -14.77
CA SER B 123 -3.56 -21.31 -15.31
C SER B 123 -4.76 -20.55 -15.88
N PHE B 124 -5.13 -19.42 -15.27
CA PHE B 124 -6.35 -18.71 -15.62
C PHE B 124 -6.16 -17.64 -16.70
N VAL B 125 -4.97 -17.54 -17.28
CA VAL B 125 -4.64 -16.42 -18.16
C VAL B 125 -4.61 -16.90 -19.61
N ASP B 126 -5.30 -16.15 -20.48
CA ASP B 126 -5.26 -16.38 -21.92
C ASP B 126 -4.05 -15.69 -22.50
N SER B 127 -3.05 -16.47 -22.94
CA SER B 127 -1.83 -15.89 -23.51
C SER B 127 -2.11 -14.97 -24.70
N THR B 128 -3.25 -15.09 -25.36
CA THR B 128 -3.53 -14.30 -26.57
C THR B 128 -4.41 -13.08 -26.32
N LYS B 129 -4.91 -12.87 -25.10
CA LYS B 129 -5.74 -11.69 -24.77
C LYS B 129 -5.19 -11.09 -23.47
N PHE B 130 -4.11 -10.33 -23.62
CA PHE B 130 -3.30 -9.87 -22.50
C PHE B 130 -2.89 -8.43 -22.74
N SER B 131 -3.10 -7.58 -21.73
CA SER B 131 -2.79 -6.15 -21.85
C SER B 131 -2.09 -5.64 -20.60
N LEU B 132 -1.43 -4.49 -20.74
CA LEU B 132 -0.80 -3.80 -19.63
C LEU B 132 -1.56 -2.52 -19.28
N LEU B 133 -1.57 -2.20 -17.99
CA LEU B 133 -2.09 -0.95 -17.47
C LEU B 133 -1.02 -0.36 -16.57
N GLY B 134 -0.83 0.90 -16.65
CA GLY B 134 0.08 1.52 -15.77
C GLY B 134 -0.47 2.74 -15.07
N GLU B 135 0.14 3.08 -13.95
CA GLU B 135 -0.09 4.35 -13.29
C GLU B 135 1.28 5.01 -13.12
N SER B 136 1.35 6.27 -13.50
CA SER B 136 2.53 7.11 -13.33
C SER B 136 3.84 6.53 -13.84
N LEU B 137 4.81 6.29 -12.97
CA LEU B 137 6.05 5.67 -13.44
C LEU B 137 5.84 4.28 -14.03
N GLY B 138 4.87 3.54 -13.50
CA GLY B 138 4.46 2.27 -14.04
C GLY B 138 4.00 2.39 -15.51
N SER B 139 3.35 3.49 -15.89
CA SER B 139 2.99 3.75 -17.23
C SER B 139 4.23 3.91 -18.10
N VAL B 140 5.23 4.59 -17.60
CA VAL B 140 6.46 4.71 -18.40
C VAL B 140 7.07 3.33 -18.62
N ALA B 141 7.18 2.54 -17.54
CA ALA B 141 7.65 1.17 -17.64
C ALA B 141 6.81 0.38 -18.64
N ALA B 142 5.49 0.51 -18.57
CA ALA B 142 4.63 -0.24 -19.49
C ALA B 142 4.85 0.20 -20.93
N SER B 143 5.06 1.51 -21.16
CA SER B 143 5.28 1.98 -22.53
C SER B 143 6.54 1.36 -23.13
N ILE B 144 7.61 1.26 -22.33
CA ILE B 144 8.88 0.72 -22.81
C ILE B 144 8.79 -0.78 -22.99
N VAL B 145 8.25 -1.49 -21.98
CA VAL B 145 8.07 -2.93 -22.13
C VAL B 145 7.20 -3.24 -23.35
N ALA B 146 6.11 -2.48 -23.53
CA ALA B 146 5.25 -2.68 -24.70
C ALA B 146 6.05 -2.58 -25.99
N GLY B 147 6.97 -1.62 -26.07
CA GLY B 147 7.75 -1.47 -27.29
C GLY B 147 8.70 -2.64 -27.51
N LYS B 148 9.24 -3.20 -26.43
CA LYS B 148 10.19 -4.30 -26.59
C LYS B 148 9.48 -5.64 -26.78
N ARG B 149 8.26 -5.79 -26.26
CA ARG B 149 7.53 -7.05 -26.40
C ARG B 149 6.21 -6.82 -27.13
N SER B 150 6.24 -6.10 -28.26
CA SER B 150 5.01 -5.59 -28.86
C SER B 150 4.02 -6.71 -29.19
N THR B 151 4.52 -7.87 -29.66
CA THR B 151 3.58 -8.90 -30.08
C THR B 151 2.91 -9.63 -28.92
N GLU B 152 3.26 -9.30 -27.67
CA GLU B 152 2.61 -9.93 -26.51
C GLU B 152 1.33 -9.22 -26.07
N LEU B 153 1.12 -7.97 -26.50
CA LEU B 153 0.09 -7.11 -25.90
C LEU B 153 -1.06 -6.85 -26.87
N THR B 154 -2.27 -7.16 -26.41
CA THR B 154 -3.47 -6.79 -27.15
C THR B 154 -3.72 -5.29 -27.11
N SER B 155 -3.43 -4.65 -25.97
CA SER B 155 -3.61 -3.21 -25.83
C SER B 155 -2.80 -2.70 -24.65
N LEU B 156 -2.73 -1.37 -24.54
CA LEU B 156 -1.92 -0.70 -23.54
C LEU B 156 -2.70 0.51 -23.01
N CYS B 157 -2.85 0.60 -21.69
CA CYS B 157 -3.48 1.76 -21.08
C CYS B 157 -2.52 2.38 -20.07
N MET B 158 -2.30 3.70 -20.19
CA MET B 158 -1.37 4.44 -19.36
C MET B 158 -2.09 5.59 -18.66
N TRP B 159 -2.12 5.54 -17.33
CA TRP B 159 -2.61 6.65 -16.51
C TRP B 159 -1.45 7.54 -16.10
N SER B 160 -1.67 8.86 -16.16
CA SER B 160 -0.75 9.84 -15.55
C SER B 160 0.72 9.52 -15.77
N PRO B 161 1.18 9.30 -17.00
CA PRO B 161 2.56 8.82 -17.19
C PRO B 161 3.57 9.82 -16.66
N ALA B 162 4.48 9.34 -15.80
CA ALA B 162 5.53 10.18 -15.23
C ALA B 162 6.77 10.22 -16.13
N ALA B 163 6.54 10.49 -17.41
CA ALA B 163 7.60 10.44 -18.41
C ALA B 163 8.52 11.66 -18.38
N SER B 164 8.33 12.57 -17.43
CA SER B 164 9.22 13.71 -17.26
C SER B 164 10.43 13.41 -16.39
N PHE B 165 10.51 12.21 -15.79
CA PHE B 165 11.47 12.02 -14.70
C PHE B 165 12.92 12.10 -15.19
N LEU B 166 13.21 11.67 -16.42
CA LEU B 166 14.56 11.82 -16.96
C LEU B 166 14.92 13.29 -17.16
N ASP B 167 14.03 14.05 -17.80
CA ASP B 167 14.25 15.49 -17.94
C ASP B 167 14.42 16.16 -16.58
N GLU B 168 13.54 15.87 -15.62
CA GLU B 168 13.62 16.57 -14.34
C GLU B 168 14.93 16.27 -13.63
N ILE B 169 15.33 15.01 -13.58
CA ILE B 169 16.51 14.65 -12.81
C ILE B 169 17.77 15.11 -13.55
N LEU B 170 17.85 14.81 -14.84
CA LEU B 170 19.09 15.05 -15.58
C LEU B 170 19.28 16.53 -15.93
N ASN B 171 18.20 17.23 -16.28
CA ASN B 171 18.32 18.65 -16.64
C ASN B 171 18.14 19.58 -15.43
N ASP B 172 17.10 19.36 -14.63
CA ASP B 172 16.79 20.27 -13.52
C ASP B 172 17.38 19.83 -12.19
N HIS B 173 18.02 18.66 -12.12
CA HIS B 173 18.67 18.20 -10.90
C HIS B 173 17.71 18.16 -9.71
N THR B 174 16.44 17.83 -9.95
CA THR B 174 15.48 17.59 -8.88
C THR B 174 14.70 16.31 -9.17
N LEU B 175 14.24 15.68 -8.10
CA LEU B 175 13.37 14.51 -8.20
C LEU B 175 12.11 14.86 -7.42
N GLN B 176 10.99 15.01 -8.14
CA GLN B 176 9.77 15.55 -7.56
C GLN B 176 10.06 16.81 -6.75
N GLY B 177 10.90 17.68 -7.32
CA GLY B 177 11.17 18.98 -6.74
C GLY B 177 12.32 19.05 -5.75
N LYS B 178 12.86 17.92 -5.31
CA LYS B 178 13.92 17.91 -4.30
C LYS B 178 15.27 17.67 -4.97
N THR B 179 16.30 18.42 -4.52
CA THR B 179 17.58 18.36 -5.19
C THR B 179 18.20 16.97 -5.13
N VAL B 180 18.78 16.55 -6.25
CA VAL B 180 19.57 15.32 -6.30
C VAL B 180 21.06 15.60 -6.15
N ASP B 181 21.44 16.85 -5.88
CA ASP B 181 22.84 17.25 -5.89
C ASP B 181 23.58 16.88 -4.62
N ASN B 182 22.89 16.36 -3.61
CA ASN B 182 23.55 15.96 -2.38
C ASN B 182 23.71 14.46 -2.26
N VAL B 183 23.45 13.70 -3.33
CA VAL B 183 23.47 12.25 -3.21
C VAL B 183 24.87 11.76 -2.82
N GLU B 184 25.90 12.28 -3.48
CA GLU B 184 27.25 11.80 -3.16
C GLU B 184 27.68 12.24 -1.76
N LYS B 185 27.33 13.47 -1.37
CA LYS B 185 27.62 13.93 -0.02
C LYS B 185 26.88 13.10 1.03
N ASP B 186 25.58 12.87 0.80
CA ASP B 186 24.79 12.14 1.79
C ASP B 186 24.97 10.62 1.65
N GLY B 187 25.29 10.13 0.44
CA GLY B 187 25.34 8.71 0.18
C GLY B 187 24.05 8.12 -0.36
N TYR B 188 22.97 8.90 -0.40
CA TYR B 188 21.67 8.43 -0.85
C TYR B 188 20.81 9.65 -1.13
N PHE B 189 19.64 9.39 -1.72
CA PHE B 189 18.57 10.35 -1.85
C PHE B 189 17.44 9.91 -0.94
N ASP B 190 16.92 10.82 -0.12
CA ASP B 190 15.87 10.52 0.85
C ASP B 190 14.50 10.64 0.18
N PHE B 191 13.85 9.51 -0.06
CA PHE B 191 12.48 9.51 -0.63
C PHE B 191 11.52 9.02 0.46
N TYR B 192 10.94 9.97 1.19
CA TYR B 192 9.93 9.69 2.22
C TYR B 192 10.40 8.62 3.20
N GLY B 193 11.67 8.67 3.57
CA GLY B 193 12.23 7.75 4.53
C GLY B 193 12.87 6.50 3.94
N LEU B 194 12.71 6.27 2.63
CA LEU B 194 13.45 5.22 1.95
C LEU B 194 14.76 5.78 1.41
N LYS B 195 15.81 4.96 1.43
CA LYS B 195 17.09 5.30 0.82
C LYS B 195 17.08 4.92 -0.65
N LEU B 196 17.18 5.91 -1.52
CA LEU B 196 17.37 5.67 -2.95
C LEU B 196 18.85 5.85 -3.28
N GLY B 197 19.48 4.82 -3.84
CA GLY B 197 20.92 4.79 -3.95
C GLY B 197 21.52 5.44 -5.20
N LYS B 198 22.85 5.52 -5.21
CA LYS B 198 23.57 6.04 -6.36
C LYS B 198 23.34 5.19 -7.61
N ALA B 199 23.05 3.91 -7.44
CA ALA B 199 22.89 3.04 -8.60
C ALA B 199 21.72 3.49 -9.47
N PHE B 200 20.66 3.97 -8.84
CA PHE B 200 19.52 4.49 -9.60
C PHE B 200 19.94 5.65 -10.50
N PHE B 201 20.71 6.58 -9.94
CA PHE B 201 21.08 7.76 -10.72
C PHE B 201 22.10 7.41 -11.79
N ASP B 202 23.04 6.50 -11.49
CA ASP B 202 24.01 6.08 -12.50
C ASP B 202 23.32 5.41 -13.68
N ASP B 203 22.22 4.72 -13.44
CA ASP B 203 21.51 3.94 -14.44
C ASP B 203 20.64 4.78 -15.36
N LEU B 204 20.36 6.04 -15.00
CA LEU B 204 19.45 6.86 -15.79
C LEU B 204 19.97 7.07 -17.22
N LYS B 205 21.29 7.06 -17.40
CA LYS B 205 21.85 7.21 -18.75
C LYS B 205 21.44 6.08 -19.68
N ASN B 206 21.06 4.92 -19.14
CA ASN B 206 20.69 3.79 -19.97
C ASN B 206 19.27 3.84 -20.48
N ILE B 207 18.45 4.79 -20.04
CA ILE B 207 17.00 4.71 -20.24
C ILE B 207 16.59 5.51 -21.46
N ASN B 208 15.80 4.90 -22.33
CA ASN B 208 15.16 5.58 -23.44
C ASN B 208 13.67 5.31 -23.37
N ILE B 209 12.86 6.37 -23.25
CA ILE B 209 11.42 6.21 -23.18
C ILE B 209 10.80 6.20 -24.57
N PHE B 210 10.97 7.28 -25.32
CA PHE B 210 10.03 7.53 -26.41
C PHE B 210 10.38 6.78 -27.68
N ASP B 211 11.66 6.54 -27.95
CA ASP B 211 12.00 5.70 -29.11
C ASP B 211 11.60 4.25 -28.87
N ASN B 212 11.76 3.76 -27.63
CA ASN B 212 11.26 2.43 -27.33
C ASN B 212 9.75 2.38 -27.42
N ALA B 213 9.06 3.43 -26.96
CA ALA B 213 7.60 3.38 -26.85
C ALA B 213 6.93 3.33 -28.22
N LYS B 214 7.44 4.10 -29.19
CA LYS B 214 6.78 4.18 -30.49
C LYS B 214 6.83 2.87 -31.25
N LYS B 215 7.59 1.89 -30.79
CA LYS B 215 7.61 0.60 -31.44
C LYS B 215 6.32 -0.18 -31.24
N TYR B 216 5.52 0.16 -30.24
CA TYR B 216 4.25 -0.52 -30.01
C TYR B 216 3.19 0.14 -30.88
N GLN B 217 2.54 -0.66 -31.72
CA GLN B 217 1.59 -0.14 -32.70
C GLN B 217 0.17 -0.62 -32.45
N GLY B 218 -0.07 -1.32 -31.33
CA GLY B 218 -1.42 -1.69 -30.98
C GLY B 218 -2.18 -0.53 -30.38
N PRO B 219 -3.43 -0.80 -29.99
CA PRO B 219 -4.28 0.26 -29.41
C PRO B 219 -3.72 0.73 -28.07
N VAL B 220 -3.55 2.04 -27.95
CA VAL B 220 -3.03 2.68 -26.73
C VAL B 220 -4.02 3.73 -26.26
N LYS B 221 -4.25 3.78 -24.96
CA LYS B 221 -5.07 4.83 -24.38
C LYS B 221 -4.31 5.50 -23.25
N ILE B 222 -4.23 6.82 -23.30
CA ILE B 222 -3.58 7.62 -22.26
C ILE B 222 -4.66 8.46 -21.60
N VAL B 223 -4.67 8.48 -20.27
CA VAL B 223 -5.60 9.29 -19.51
C VAL B 223 -4.79 10.25 -18.66
N TYR B 224 -5.02 11.55 -18.84
CA TYR B 224 -4.26 12.62 -18.22
C TYR B 224 -5.23 13.54 -17.50
N GLY B 225 -4.96 13.82 -16.22
CA GLY B 225 -5.80 14.72 -15.44
C GLY B 225 -5.19 16.12 -15.41
N THR B 226 -6.04 17.14 -15.57
CA THR B 226 -5.50 18.49 -15.72
C THR B 226 -4.79 19.00 -14.47
N ASN B 227 -5.02 18.40 -13.29
CA ASN B 227 -4.28 18.80 -12.09
C ASN B 227 -3.01 17.96 -11.87
N ASP B 228 -2.66 17.08 -12.79
CA ASP B 228 -1.44 16.28 -12.66
C ASP B 228 -0.24 17.21 -12.54
N PHE B 229 0.69 16.88 -11.65
CA PHE B 229 1.90 17.69 -11.62
C PHE B 229 2.86 17.35 -12.76
N ILE B 230 2.69 16.21 -13.42
CA ILE B 230 3.49 15.93 -14.63
C ILE B 230 3.01 16.83 -15.77
N PRO B 231 3.89 17.54 -16.47
CA PRO B 231 3.44 18.40 -17.58
C PRO B 231 2.69 17.60 -18.66
N GLU B 232 1.62 18.22 -19.18
CA GLU B 232 0.79 17.59 -20.19
C GLU B 232 1.53 17.29 -21.49
N LYS B 233 2.63 18.01 -21.77
CA LYS B 233 3.29 17.83 -23.05
C LYS B 233 3.87 16.43 -23.19
N TYR B 234 4.17 15.75 -22.08
CA TYR B 234 4.71 14.40 -22.21
C TYR B 234 3.67 13.43 -22.77
N SER B 235 2.40 13.64 -22.43
CA SER B 235 1.35 12.81 -23.02
C SER B 235 1.22 13.08 -24.51
N HIS B 236 1.36 14.34 -24.93
CA HIS B 236 1.30 14.63 -26.35
C HIS B 236 2.48 14.02 -27.09
N LYS B 237 3.66 14.05 -26.48
CA LYS B 237 4.83 13.43 -27.10
C LYS B 237 4.61 11.94 -27.35
N TYR B 238 4.04 11.23 -26.37
CA TYR B 238 3.66 9.84 -26.59
C TYR B 238 2.75 9.71 -27.80
N MET B 239 1.71 10.55 -27.86
CA MET B 239 0.75 10.45 -28.95
C MET B 239 1.43 10.64 -30.31
N ASP B 240 2.43 11.54 -30.37
CA ASP B 240 3.13 11.78 -31.63
C ASP B 240 3.73 10.51 -32.20
N GLY B 241 4.13 9.58 -31.34
CA GLY B 241 4.74 8.34 -31.78
C GLY B 241 3.83 7.14 -31.90
N TYR B 242 2.56 7.27 -31.55
CA TYR B 242 1.63 6.13 -31.56
C TYR B 242 0.76 6.20 -32.80
N GLU B 243 0.64 5.06 -33.49
CA GLU B 243 -0.19 5.05 -34.68
C GLU B 243 -1.67 4.85 -34.34
N ASN B 244 -1.98 4.22 -33.21
CA ASN B 244 -3.35 3.95 -32.81
CA ASN B 244 -3.36 3.96 -32.83
C ASN B 244 -3.58 4.35 -31.36
N GLY B 245 -3.24 5.59 -31.04
CA GLY B 245 -3.40 6.11 -29.70
C GLY B 245 -4.65 6.96 -29.53
N GLU B 246 -5.10 7.05 -28.28
CA GLU B 246 -6.20 7.92 -27.90
C GLU B 246 -5.84 8.60 -26.59
N LEU B 247 -5.95 9.92 -26.55
CA LEU B 247 -5.63 10.68 -25.36
C LEU B 247 -6.91 11.27 -24.78
N VAL B 248 -7.19 10.94 -23.53
CA VAL B 248 -8.34 11.48 -22.81
C VAL B 248 -7.82 12.44 -21.75
N ILE B 249 -8.28 13.68 -21.80
CA ILE B 249 -7.90 14.69 -20.83
C ILE B 249 -9.07 14.85 -19.85
N VAL B 250 -8.86 14.46 -18.60
CA VAL B 250 -9.90 14.50 -17.59
C VAL B 250 -9.81 15.85 -16.89
N GLN B 251 -10.81 16.70 -17.10
CA GLN B 251 -10.85 18.00 -16.45
C GLN B 251 -10.96 17.82 -14.94
N ASP B 252 -9.99 18.40 -14.22
CA ASP B 252 -9.84 18.36 -12.77
C ASP B 252 -9.44 16.99 -12.24
N GLY B 253 -9.03 16.06 -13.11
CA GLY B 253 -8.36 14.88 -12.63
C GLY B 253 -6.97 15.21 -12.09
N ASP B 254 -6.46 14.37 -11.21
CA ASP B 254 -5.14 14.59 -10.67
C ASP B 254 -4.31 13.30 -10.79
N HIS B 255 -3.06 13.39 -10.34
CA HIS B 255 -2.04 12.36 -10.57
C HIS B 255 -2.54 10.98 -10.15
N GLY B 256 -3.07 10.88 -8.93
CA GLY B 256 -3.52 9.62 -8.37
C GLY B 256 -5.01 9.39 -8.41
N TRP B 257 -5.77 10.21 -9.14
CA TRP B 257 -7.22 10.06 -9.23
C TRP B 257 -7.84 10.07 -7.83
N GLN B 258 -7.43 11.07 -7.03
CA GLN B 258 -7.76 11.16 -5.62
C GLN B 258 -8.89 12.15 -5.32
N SER B 259 -9.95 12.13 -6.15
CA SER B 259 -11.23 12.70 -5.81
C SER B 259 -12.30 11.71 -6.24
N VAL B 260 -13.45 11.73 -5.55
CA VAL B 260 -14.54 10.80 -5.90
C VAL B 260 -14.96 10.97 -7.35
N PRO B 261 -15.13 12.18 -7.90
CA PRO B 261 -15.49 12.26 -9.33
C PRO B 261 -14.40 11.72 -10.25
N SER B 262 -13.13 12.00 -9.99
CA SER B 262 -12.12 11.55 -10.93
C SER B 262 -11.83 10.05 -10.76
N ARG B 263 -12.07 9.52 -9.56
CA ARG B 263 -11.93 8.08 -9.35
C ARG B 263 -12.98 7.31 -10.15
N LYS B 264 -14.25 7.73 -10.05
CA LYS B 264 -15.27 7.16 -10.91
C LYS B 264 -14.87 7.26 -12.38
N ARG B 265 -14.37 8.42 -12.78
CA ARG B 265 -14.04 8.65 -14.19
C ARG B 265 -12.93 7.70 -14.65
N ILE B 266 -11.86 7.56 -13.86
CA ILE B 266 -10.74 6.76 -14.33
C ILE B 266 -11.14 5.28 -14.41
N LEU B 267 -11.92 4.80 -13.44
CA LEU B 267 -12.36 3.41 -13.48
C LEU B 267 -13.25 3.15 -14.70
N ASP B 268 -14.18 4.07 -14.97
CA ASP B 268 -15.09 3.89 -16.10
C ASP B 268 -14.36 3.97 -17.43
N GLU B 269 -13.46 4.95 -17.58
CA GLU B 269 -12.74 5.10 -18.84
C GLU B 269 -11.87 3.89 -19.11
N THR B 270 -11.33 3.27 -18.07
CA THR B 270 -10.44 2.14 -18.26
C THR B 270 -11.23 0.86 -18.53
N MET B 271 -12.34 0.66 -17.82
CA MET B 271 -13.18 -0.50 -18.10
C MET B 271 -13.68 -0.45 -19.53
N LYS B 272 -14.07 0.74 -20.01
CA LYS B 272 -14.54 0.88 -21.38
C LYS B 272 -13.46 0.45 -22.38
N PHE B 273 -12.21 0.84 -22.12
CA PHE B 273 -11.13 0.53 -23.06
C PHE B 273 -10.82 -0.94 -23.08
N PHE B 274 -10.79 -1.59 -21.91
CA PHE B 274 -10.45 -3.01 -21.93
C PHE B 274 -11.64 -3.85 -22.36
N ARG B 275 -12.87 -3.39 -22.14
CA ARG B 275 -13.99 -4.10 -22.74
C ARG B 275 -13.88 -4.08 -24.25
N LYS B 276 -13.56 -2.92 -24.81
CA LYS B 276 -13.45 -2.79 -26.26
C LYS B 276 -12.30 -3.65 -26.80
N THR B 277 -11.14 -3.62 -26.15
CA THR B 277 -9.96 -4.26 -26.74
C THR B 277 -9.78 -5.72 -26.33
N LEU B 278 -10.34 -6.14 -25.19
CA LEU B 278 -10.18 -7.52 -24.72
C LEU B 278 -11.45 -8.35 -24.79
N LEU B 279 -12.63 -7.73 -24.80
CA LEU B 279 -13.87 -8.48 -24.77
C LEU B 279 -14.67 -8.41 -26.08
N GLU B 280 -14.63 -7.28 -26.79
CA GLU B 280 -15.45 -7.06 -27.97
C GLU B 280 -14.66 -7.20 -29.27
N ALA B 281 -13.33 -7.29 -29.19
CA ALA B 281 -12.49 -7.53 -30.38
C ALA B 281 -12.37 -9.02 -30.68
C4 FER C . -8.70 12.94 11.97
C5 FER C . -7.41 13.42 12.26
C6 FER C . -6.30 12.59 12.04
C3 FER C . -8.89 11.66 11.46
C2 FER C . -7.78 10.83 11.22
C1 FER C . -6.49 11.32 11.53
C10 FER C . -10.47 9.89 10.93
C7 FER C . -5.26 10.43 11.26
C8 FER C . -5.46 9.16 10.89
C9 FER C . -4.26 8.32 10.59
O1 FER C . -3.20 8.89 10.22
O2 FER C . -4.33 7.07 10.67
O4 FER C . -9.85 13.80 12.20
O3 FER C . -10.26 11.25 11.17
C4 FER D . -15.16 5.52 -5.17
C5 FER D . -15.28 6.64 -5.99
C6 FER D . -16.27 6.67 -7.01
C3 FER D . -16.01 4.43 -5.34
C2 FER D . -16.99 4.46 -6.34
C1 FER D . -17.10 5.58 -7.18
C10 FER D . -17.06 2.47 -4.44
C7 FER D . -18.20 5.53 -8.27
C8 FER D . -19.45 5.09 -8.00
C9 FER D . -20.47 5.07 -9.11
O1 FER D . -21.52 5.74 -9.00
O2 FER D . -20.26 4.39 -10.16
O4 FER D . -14.14 5.49 -4.12
O3 FER D . -15.91 3.26 -4.49
CA CA E . 11.62 -16.93 -12.94
C4 FER F . 10.42 12.36 -11.07
C5 FER F . 9.20 13.00 -11.31
C6 FER F . 8.00 12.30 -11.09
C3 FER F . 10.45 11.04 -10.62
C2 FER F . 9.25 10.35 -10.41
C1 FER F . 8.03 11.01 -10.65
C10 FER F . 11.75 9.07 -10.05
C7 FER F . 6.71 10.25 -10.38
C8 FER F . 6.68 8.91 -10.23
C9 FER F . 5.35 8.30 -9.95
O1 FER F . 4.39 9.02 -9.58
O2 FER F . 5.21 7.07 -10.05
O4 FER F . 11.67 13.08 -11.30
O3 FER F . 11.74 10.43 -10.41
C4 FER G . 15.51 3.31 5.54
C5 FER G . 15.69 4.28 6.52
C6 FER G . 16.74 4.19 7.44
C3 FER G . 16.37 2.22 5.45
C2 FER G . 17.43 2.13 6.36
C1 FER G . 17.60 3.11 7.35
C10 FER G . 16.87 0.00 4.66
C7 FER G . 18.78 2.94 8.32
C8 FER G . 18.90 1.76 8.97
C9 FER G . 20.04 1.59 9.93
O1 FER G . 19.87 0.94 10.99
O2 FER G . 21.15 2.10 9.64
O4 FER G . 14.40 3.44 4.60
O3 FER G . 16.19 1.21 4.43
CA CA H . 13.15 -14.64 -1.71
#